data_1U45
#
_entry.id   1U45
#
_cell.length_a   87.281
_cell.length_b   93.141
_cell.length_c   106.020
_cell.angle_alpha   90.00
_cell.angle_beta   90.00
_cell.angle_gamma   90.00
#
_symmetry.space_group_name_H-M   'P 21 21 21'
#
loop_
_entity.id
_entity.type
_entity.pdbx_description
1 polymer 'DNA primer strand'
2 polymer 'DNA template strand with 8-oxoguanine'
3 polymer 'DNA polymerase I'
4 branched beta-D-fructofuranose-(2-1)-alpha-D-glucopyranose
5 non-polymer 'SULFATE ION'
6 non-polymer 'MAGNESIUM ION'
7 water water
#
loop_
_entity_poly.entity_id
_entity_poly.type
_entity_poly.pdbx_seq_one_letter_code
_entity_poly.pdbx_strand_id
1 'polydeoxyribonucleotide' (DG)(DC)(DC)(DT)(DG)(DA)(DC)(DT)(DC)(DG) B
2 'polydeoxyribonucleotide' (DC)(DA)(DT)(8OG)(DC)(DG)(DA)(DG)(DT)(DC)(DA)(DG)(DG)(DC)(DT) C
3 'polypeptide(L)'
;AAMAFTLADRVTEEMLADKAALVVEVVEENYHDAPIVGIAVVNEHGRFFLRPETALADPQFVAWLGDETKKKSMFDSKRA
AVALKWKGIELCGVSFDLLLAAYLLDPAQGVDDVAAAAKMKQYEAVRPDEAVYGKGAKRAVPDEPVLAEHLVRKAAAIWE
LERPFLDELRRNEQDRLLVELEQPLSSILAEMEFAGVKVDTKRLEQMGKELAEQLGTVEQRIYELAGQEFNINSPKQLGV
ILFEKLQLPVLKKTKTGYSTSADVLEKLAPYHEIVENILHYRQLGKLQSTYIEGLLKVVRPDTKKVHTIFNQALTQTGRL
SSTEPNLQNIPIRLEEGRKIRQAFVPSESDWLIFAADYSQIELRVLAHIAEDDNLMEAFRRDLDIHTKTAMDIFQVSEDE
VTPNMRRQAKAVNFGIVYGISDYGLAQNLNISRKEAAEFIERYFESFPGVKRYMENIVQEAKQKGYVTTLLHRRRYLPDI
TSRNFNVRSFAERMAMNTPIQGSAADIIKKAMIDLNARLKEERLQAHLLLQVHDELILEAPKEEMERLCRLVPEVMEQAV
TLRVPLKVDYHYGSTWYDAK
;
A
#
loop_
_chem_comp.id
_chem_comp.type
_chem_comp.name
_chem_comp.formula
8OG DNA linking 8-OXO-2'-DEOXY-GUANOSINE-5'-MONOPHOSPHATE 'C10 H14 N5 O8 P'
DA DNA linking 2'-DEOXYADENOSINE-5'-MONOPHOSPHATE 'C10 H14 N5 O6 P'
DC DNA linking 2'-DEOXYCYTIDINE-5'-MONOPHOSPHATE 'C9 H14 N3 O7 P'
DG DNA linking 2'-DEOXYGUANOSINE-5'-MONOPHOSPHATE 'C10 H14 N5 O7 P'
DT DNA linking THYMIDINE-5'-MONOPHOSPHATE 'C10 H15 N2 O8 P'
FRU D-saccharide, beta linking beta-D-fructofuranose 'C6 H12 O6'
GLC D-saccharide, alpha linking alpha-D-glucopyranose 'C6 H12 O6'
MG non-polymer 'MAGNESIUM ION' 'Mg 2'
SO4 non-polymer 'SULFATE ION' 'O4 S -2'
#
# COMPACT_ATOMS: atom_id res chain seq x y z
P 8OG B 4 -8.09 -10.95 16.10
OP1 8OG B 4 -8.42 -10.52 14.70
OP2 8OG B 4 -8.97 -11.93 16.79
O5' 8OG B 4 -6.60 -11.51 16.12
C5' 8OG B 4 -5.52 -10.75 15.52
C4' 8OG B 4 -4.22 -11.03 16.24
O4' 8OG B 4 -3.92 -12.44 16.24
C3' 8OG B 4 -3.02 -10.36 15.56
O3' 8OG B 4 -2.81 -9.08 16.17
C2' 8OG B 4 -1.87 -11.29 15.91
C1' 8OG B 4 -2.53 -12.67 16.06
N9 8OG B 4 -2.31 -13.55 14.88
C8 8OG B 4 -1.59 -14.62 14.87
N7 8OG B 4 -1.68 -15.25 13.75
C5 8OG B 4 -2.51 -14.58 12.93
C6 8OG B 4 -2.99 -14.77 11.64
O6 8OG B 4 -2.63 -15.76 10.99
N1 8OG B 4 -3.90 -13.82 11.07
C2 8OG B 4 -4.31 -12.68 11.83
N2 8OG B 4 -5.16 -11.81 11.30
N3 8OG B 4 -3.82 -12.49 13.14
C4 8OG B 4 -2.93 -13.43 13.69
O8 8OG B 4 -0.90 -15.01 15.82
N ALA C 1 -7.54 38.14 9.75
CA ALA C 1 -7.25 39.18 8.71
C ALA C 1 -7.16 38.52 7.33
N ALA C 2 -6.52 39.21 6.40
CA ALA C 2 -6.36 38.68 5.04
C ALA C 2 -4.89 38.68 4.64
N MET C 3 -4.53 37.73 3.78
CA MET C 3 -3.15 37.61 3.31
C MET C 3 -3.01 38.29 1.95
N ALA C 4 -2.05 39.21 1.86
CA ALA C 4 -1.81 39.95 0.63
C ALA C 4 -1.16 39.10 -0.47
N PHE C 5 -1.66 39.25 -1.69
CA PHE C 5 -1.11 38.52 -2.82
C PHE C 5 -1.52 39.19 -4.12
N THR C 6 -0.78 38.89 -5.19
CA THR C 6 -1.08 39.45 -6.49
C THR C 6 -1.87 38.44 -7.31
N LEU C 7 -3.04 38.84 -7.78
CA LEU C 7 -3.85 37.98 -8.62
C LEU C 7 -3.43 38.41 -10.01
N ALA C 8 -2.39 37.75 -10.54
CA ALA C 8 -1.83 38.09 -11.84
C ALA C 8 -2.63 37.63 -13.05
N ASP C 9 -2.63 38.47 -14.08
CA ASP C 9 -3.33 38.17 -15.33
C ASP C 9 -2.34 37.61 -16.34
N ARG C 10 -1.05 37.67 -16.01
CA ARG C 10 0.01 37.15 -16.86
C ARG C 10 1.23 36.79 -16.02
N VAL C 11 2.02 35.83 -16.50
CA VAL C 11 3.22 35.41 -15.79
C VAL C 11 4.33 36.45 -15.91
N THR C 12 5.05 36.69 -14.82
CA THR C 12 6.14 37.66 -14.82
C THR C 12 7.45 37.02 -14.35
N GLU C 13 8.55 37.69 -14.65
CA GLU C 13 9.88 37.22 -14.29
C GLU C 13 10.04 36.84 -12.82
N GLU C 14 9.61 37.73 -11.92
CA GLU C 14 9.76 37.47 -10.49
C GLU C 14 8.98 36.26 -9.98
N MET C 15 8.11 35.72 -10.83
CA MET C 15 7.32 34.54 -10.46
C MET C 15 8.12 33.28 -10.79
N LEU C 16 9.26 33.47 -11.46
CA LEU C 16 10.09 32.36 -11.87
C LEU C 16 11.41 32.25 -11.12
N ALA C 17 11.42 32.67 -9.86
CA ALA C 17 12.63 32.60 -9.03
C ALA C 17 13.09 31.14 -8.92
N ASP C 18 14.33 30.92 -8.51
CA ASP C 18 14.83 29.55 -8.40
C ASP C 18 14.50 28.83 -7.10
N LYS C 19 13.63 29.43 -6.29
CA LYS C 19 13.20 28.81 -5.04
C LYS C 19 11.80 29.33 -4.75
N ALA C 20 10.85 28.43 -4.61
CA ALA C 20 9.48 28.86 -4.36
C ALA C 20 8.60 27.74 -3.85
N ALA C 21 7.52 28.13 -3.19
CA ALA C 21 6.53 27.19 -2.71
C ALA C 21 5.53 27.21 -3.86
N LEU C 22 5.19 26.04 -4.38
CA LEU C 22 4.28 25.96 -5.51
C LEU C 22 3.05 25.13 -5.23
N VAL C 23 1.90 25.67 -5.65
CA VAL C 23 0.64 24.98 -5.49
C VAL C 23 -0.04 24.86 -6.86
N VAL C 24 -0.25 23.63 -7.31
CA VAL C 24 -0.93 23.33 -8.58
C VAL C 24 -2.12 22.51 -8.08
N GLU C 25 -3.23 23.21 -7.84
CA GLU C 25 -4.42 22.63 -7.27
C GLU C 25 -5.30 21.74 -8.15
N VAL C 26 -5.49 20.51 -7.68
CA VAL C 26 -6.36 19.53 -8.34
C VAL C 26 -7.32 19.11 -7.23
N VAL C 27 -8.57 19.55 -7.34
CA VAL C 27 -9.59 19.26 -6.33
C VAL C 27 -10.19 17.86 -6.41
N GLU C 28 -10.34 17.33 -7.61
CA GLU C 28 -10.88 15.99 -7.77
C GLU C 28 -9.98 15.02 -7.02
N GLU C 29 -10.56 14.15 -6.19
CA GLU C 29 -9.75 13.21 -5.43
C GLU C 29 -8.89 12.34 -6.33
N ASN C 30 -9.45 11.87 -7.43
CA ASN C 30 -8.70 11.07 -8.40
C ASN C 30 -8.16 12.10 -9.39
N TYR C 31 -6.86 12.39 -9.29
CA TYR C 31 -6.25 13.39 -10.16
C TYR C 31 -5.92 13.01 -11.60
N HIS C 32 -6.23 11.78 -12.00
CA HIS C 32 -5.94 11.34 -13.37
C HIS C 32 -6.79 12.08 -14.42
N ASP C 33 -6.10 12.77 -15.33
CA ASP C 33 -6.73 13.54 -16.40
C ASP C 33 -7.72 14.53 -15.78
N ALA C 34 -7.43 14.98 -14.57
CA ALA C 34 -8.29 15.92 -13.86
C ALA C 34 -7.87 17.36 -14.10
N PRO C 35 -8.79 18.30 -13.87
CA PRO C 35 -8.43 19.70 -14.09
C PRO C 35 -7.65 20.35 -12.95
N ILE C 36 -6.84 21.33 -13.32
CA ILE C 36 -6.04 22.11 -12.38
C ILE C 36 -6.86 23.40 -12.25
N VAL C 37 -7.43 23.63 -11.07
CA VAL C 37 -8.29 24.78 -10.84
C VAL C 37 -7.60 26.12 -10.55
N GLY C 38 -6.32 26.06 -10.21
CA GLY C 38 -5.61 27.28 -9.90
C GLY C 38 -4.17 27.01 -9.54
N ILE C 39 -3.36 28.07 -9.60
CA ILE C 39 -1.95 27.96 -9.27
C ILE C 39 -1.54 29.10 -8.36
N ALA C 40 -0.65 28.81 -7.42
CA ALA C 40 -0.14 29.80 -6.49
C ALA C 40 1.36 29.61 -6.34
N VAL C 41 2.07 30.74 -6.29
CA VAL C 41 3.51 30.73 -6.14
C VAL C 41 3.90 31.73 -5.07
N VAL C 42 4.72 31.29 -4.14
CA VAL C 42 5.20 32.18 -3.08
C VAL C 42 6.71 32.06 -3.09
N ASN C 43 7.39 33.20 -3.21
CA ASN C 43 8.85 33.21 -3.24
C ASN C 43 9.39 34.48 -2.57
N GLU C 44 10.69 34.72 -2.70
CA GLU C 44 11.33 35.89 -2.11
C GLU C 44 10.74 37.21 -2.57
N HIS C 45 10.11 37.19 -3.75
CA HIS C 45 9.52 38.41 -4.32
C HIS C 45 8.07 38.68 -3.95
N GLY C 46 7.40 37.70 -3.36
CA GLY C 46 6.01 37.90 -2.99
C GLY C 46 5.11 36.70 -3.13
N ARG C 47 3.80 36.94 -3.12
CA ARG C 47 2.80 35.89 -3.24
C ARG C 47 1.98 36.10 -4.50
N PHE C 48 1.81 35.07 -5.32
CA PHE C 48 1.06 35.20 -6.56
C PHE C 48 0.04 34.10 -6.82
N PHE C 49 -1.05 34.46 -7.50
CA PHE C 49 -2.08 33.51 -7.89
C PHE C 49 -2.21 33.62 -9.42
N LEU C 50 -2.21 32.47 -10.09
CA LEU C 50 -2.32 32.44 -11.54
C LEU C 50 -3.43 31.52 -11.99
N ARG C 51 -4.21 31.96 -12.96
CA ARG C 51 -5.29 31.14 -13.50
C ARG C 51 -4.57 30.08 -14.35
N PRO C 52 -4.95 28.81 -14.21
CA PRO C 52 -4.30 27.76 -14.98
C PRO C 52 -4.21 27.96 -16.49
N GLU C 53 -5.29 28.41 -17.11
CA GLU C 53 -5.28 28.61 -18.57
C GLU C 53 -4.15 29.53 -19.00
N THR C 54 -3.84 30.53 -18.17
CA THR C 54 -2.80 31.48 -18.46
C THR C 54 -1.40 30.95 -18.18
N ALA C 55 -1.22 30.39 -16.99
CA ALA C 55 0.07 29.85 -16.58
C ALA C 55 0.53 28.68 -17.45
N LEU C 56 -0.32 27.67 -17.59
CA LEU C 56 0.05 26.49 -18.37
C LEU C 56 0.17 26.71 -19.88
N ALA C 57 -0.16 27.91 -20.35
CA ALA C 57 -0.07 28.23 -21.76
C ALA C 57 1.13 29.14 -22.00
N ASP C 58 1.77 29.56 -20.91
CA ASP C 58 2.93 30.44 -20.97
C ASP C 58 4.22 29.63 -21.11
N PRO C 59 4.92 29.77 -22.24
CA PRO C 59 6.17 29.02 -22.46
C PRO C 59 7.17 29.19 -21.32
N GLN C 60 7.27 30.41 -20.79
CA GLN C 60 8.19 30.70 -19.70
C GLN C 60 7.85 29.93 -18.44
N PHE C 61 6.56 29.92 -18.09
CA PHE C 61 6.13 29.22 -16.88
C PHE C 61 6.33 27.72 -17.02
N VAL C 62 5.97 27.17 -18.18
CA VAL C 62 6.14 25.74 -18.43
C VAL C 62 7.61 25.36 -18.36
N ALA C 63 8.48 26.20 -18.93
CA ALA C 63 9.91 25.94 -18.90
C ALA C 63 10.36 25.94 -17.43
N TRP C 64 9.82 26.87 -16.65
CA TRP C 64 10.15 26.98 -15.23
C TRP C 64 9.76 25.71 -14.49
N LEU C 65 8.56 25.21 -14.78
CA LEU C 65 8.07 24.00 -14.15
C LEU C 65 9.01 22.83 -14.43
N GLY C 66 9.48 22.76 -15.67
CA GLY C 66 10.36 21.67 -16.07
C GLY C 66 11.84 21.84 -15.79
N ASP C 67 12.25 23.00 -15.30
CA ASP C 67 13.65 23.25 -15.01
C ASP C 67 14.02 22.68 -13.64
N GLU C 68 14.83 21.62 -13.66
CA GLU C 68 15.26 20.96 -12.43
C GLU C 68 16.09 21.84 -11.50
N THR C 69 16.62 22.94 -12.02
CA THR C 69 17.44 23.84 -11.20
C THR C 69 16.59 24.87 -10.47
N LYS C 70 15.31 24.94 -10.81
CA LYS C 70 14.38 25.86 -10.16
C LYS C 70 13.67 24.98 -9.12
N LYS C 71 14.03 25.16 -7.85
CA LYS C 71 13.49 24.35 -6.77
C LYS C 71 12.11 24.73 -6.27
N LYS C 72 11.24 23.72 -6.13
CA LYS C 72 9.89 23.95 -5.65
C LYS C 72 9.60 23.14 -4.39
N SER C 73 8.85 23.76 -3.48
CA SER C 73 8.41 23.13 -2.25
C SER C 73 6.90 23.00 -2.45
N MET C 74 6.38 21.81 -2.22
CA MET C 74 4.96 21.56 -2.44
C MET C 74 4.36 20.63 -1.40
N PHE C 75 3.07 20.34 -1.57
CA PHE C 75 2.35 19.40 -0.72
C PHE C 75 1.71 18.41 -1.70
N ASP C 76 2.08 17.14 -1.60
CA ASP C 76 1.56 16.11 -2.51
C ASP C 76 1.95 16.49 -3.95
N SER C 77 3.25 16.50 -4.23
CA SER C 77 3.73 16.84 -5.56
C SER C 77 3.36 15.79 -6.60
N LYS C 78 3.14 14.54 -6.17
CA LYS C 78 2.76 13.49 -7.12
C LYS C 78 1.44 13.84 -7.81
N ARG C 79 0.48 14.34 -7.03
CA ARG C 79 -0.82 14.74 -7.55
C ARG C 79 -0.65 15.76 -8.67
N ALA C 80 0.16 16.78 -8.42
CA ALA C 80 0.42 17.82 -9.39
C ALA C 80 1.19 17.27 -10.58
N ALA C 81 2.22 16.47 -10.30
CA ALA C 81 3.04 15.88 -11.35
C ALA C 81 2.23 15.04 -12.31
N VAL C 82 1.32 14.21 -11.79
CA VAL C 82 0.50 13.37 -12.64
C VAL C 82 -0.53 14.20 -13.42
N ALA C 83 -1.18 15.14 -12.75
CA ALA C 83 -2.17 15.98 -13.43
C ALA C 83 -1.48 16.69 -14.59
N LEU C 84 -0.24 17.11 -14.36
CA LEU C 84 0.51 17.79 -15.41
C LEU C 84 0.92 16.82 -16.52
N LYS C 85 1.25 15.59 -16.16
CA LYS C 85 1.63 14.58 -17.16
C LYS C 85 0.48 14.41 -18.18
N TRP C 86 -0.76 14.35 -17.68
CA TRP C 86 -1.89 14.18 -18.58
C TRP C 86 -2.04 15.39 -19.52
N LYS C 87 -1.43 16.51 -19.14
CA LYS C 87 -1.47 17.72 -19.95
C LYS C 87 -0.19 17.86 -20.79
N GLY C 88 0.69 16.87 -20.69
CA GLY C 88 1.93 16.89 -21.45
C GLY C 88 2.96 17.88 -20.92
N ILE C 89 2.90 18.15 -19.63
CA ILE C 89 3.82 19.08 -18.99
C ILE C 89 4.62 18.38 -17.91
N GLU C 90 5.94 18.55 -17.96
CA GLU C 90 6.84 17.92 -17.00
C GLU C 90 7.14 18.82 -15.81
N LEU C 91 7.02 18.26 -14.61
CA LEU C 91 7.33 18.98 -13.38
C LEU C 91 8.65 18.43 -12.84
N CYS C 92 9.63 19.30 -12.64
CA CYS C 92 10.93 18.90 -12.12
C CYS C 92 11.33 19.83 -11.00
N GLY C 93 12.42 19.48 -10.31
CA GLY C 93 12.93 20.32 -9.24
C GLY C 93 12.18 20.36 -7.92
N VAL C 94 11.30 19.39 -7.68
CA VAL C 94 10.59 19.38 -6.41
C VAL C 94 11.58 18.92 -5.35
N SER C 95 12.03 19.84 -4.52
CA SER C 95 13.01 19.53 -3.48
C SER C 95 12.43 19.24 -2.11
N PHE C 96 11.15 19.54 -1.91
CA PHE C 96 10.50 19.33 -0.62
C PHE C 96 8.99 19.10 -0.77
N ASP C 97 8.49 18.01 -0.19
CA ASP C 97 7.08 17.69 -0.24
C ASP C 97 6.59 17.61 1.21
N LEU C 98 5.79 18.59 1.60
CA LEU C 98 5.27 18.68 2.97
C LEU C 98 4.43 17.46 3.39
N LEU C 99 3.68 16.88 2.46
CA LEU C 99 2.88 15.70 2.79
C LEU C 99 3.77 14.54 3.22
N LEU C 100 4.82 14.29 2.45
CA LEU C 100 5.74 13.20 2.77
C LEU C 100 6.54 13.51 4.02
N ALA C 101 6.89 14.78 4.21
CA ALA C 101 7.64 15.18 5.40
C ALA C 101 6.80 14.92 6.65
N ALA C 102 5.54 15.34 6.60
CA ALA C 102 4.64 15.15 7.73
C ALA C 102 4.42 13.66 7.98
N TYR C 103 4.21 12.91 6.91
CA TYR C 103 3.99 11.47 7.00
C TYR C 103 5.14 10.76 7.73
N LEU C 104 6.37 11.13 7.38
CA LEU C 104 7.54 10.52 8.01
C LEU C 104 7.67 10.92 9.48
N LEU C 105 7.34 12.16 9.79
CA LEU C 105 7.43 12.65 11.17
C LEU C 105 6.45 11.93 12.07
N ASP C 106 5.26 11.63 11.55
CA ASP C 106 4.25 10.91 12.31
C ASP C 106 3.10 10.43 11.44
N PRO C 107 3.18 9.17 10.96
CA PRO C 107 2.13 8.60 10.12
C PRO C 107 0.76 8.50 10.78
N ALA C 108 0.73 8.50 12.11
CA ALA C 108 -0.53 8.39 12.83
C ALA C 108 -1.35 9.67 12.83
N GLN C 109 -0.73 10.80 12.51
CA GLN C 109 -1.46 12.06 12.48
C GLN C 109 -2.54 12.05 11.39
N GLY C 110 -2.33 11.23 10.37
CA GLY C 110 -3.30 11.16 9.28
C GLY C 110 -3.33 12.43 8.46
N VAL C 111 -2.20 13.13 8.37
CA VAL C 111 -2.13 14.37 7.61
C VAL C 111 -2.51 14.17 6.14
N ASP C 112 -3.57 14.83 5.71
CA ASP C 112 -3.98 14.74 4.32
C ASP C 112 -4.26 16.09 3.66
N ASP C 113 -3.81 17.17 4.29
CA ASP C 113 -3.92 18.49 3.72
C ASP C 113 -2.93 19.42 4.39
N VAL C 114 -2.62 20.53 3.72
CA VAL C 114 -1.68 21.50 4.25
C VAL C 114 -1.99 21.95 5.68
N ALA C 115 -3.26 22.22 5.96
CA ALA C 115 -3.66 22.68 7.28
C ALA C 115 -3.30 21.68 8.37
N ALA C 116 -3.55 20.39 8.13
CA ALA C 116 -3.24 19.37 9.12
C ALA C 116 -1.73 19.34 9.40
N ALA C 117 -0.92 19.46 8.36
CA ALA C 117 0.53 19.45 8.53
C ALA C 117 1.00 20.69 9.29
N ALA C 118 0.46 21.84 8.93
CA ALA C 118 0.84 23.09 9.59
C ALA C 118 0.46 23.09 11.07
N LYS C 119 -0.66 22.48 11.40
CA LYS C 119 -1.12 22.44 12.78
C LYS C 119 -0.10 21.74 13.67
N MET C 120 0.75 20.90 13.08
CA MET C 120 1.78 20.18 13.82
C MET C 120 2.81 21.15 14.40
N LYS C 121 3.03 22.27 13.71
CA LYS C 121 3.99 23.27 14.15
C LYS C 121 3.28 24.53 14.65
N GLN C 122 2.04 24.37 15.11
CA GLN C 122 1.26 25.50 15.65
C GLN C 122 1.04 26.64 14.65
N TYR C 123 0.94 26.30 13.38
CA TYR C 123 0.69 27.27 12.33
C TYR C 123 -0.76 27.01 11.93
N GLU C 124 -1.61 28.03 12.02
CA GLU C 124 -3.02 27.84 11.68
C GLU C 124 -3.59 28.92 10.76
N ALA C 125 -2.72 29.60 10.01
CA ALA C 125 -3.15 30.65 9.10
C ALA C 125 -3.52 30.10 7.73
N VAL C 126 -4.19 28.96 7.73
CA VAL C 126 -4.61 28.30 6.49
C VAL C 126 -5.79 27.39 6.86
N ARG C 127 -6.77 27.32 5.96
CA ARG C 127 -7.96 26.51 6.20
C ARG C 127 -7.84 25.08 5.68
N PRO C 128 -8.56 24.13 6.30
CA PRO C 128 -8.53 22.73 5.86
C PRO C 128 -9.20 22.72 4.48
N ASP C 129 -8.77 21.83 3.59
CA ASP C 129 -9.36 21.77 2.27
C ASP C 129 -10.85 21.51 2.32
N GLU C 130 -11.27 20.63 3.23
CA GLU C 130 -12.66 20.28 3.36
C GLU C 130 -13.52 21.50 3.68
N ALA C 131 -13.00 22.38 4.52
CA ALA C 131 -13.72 23.59 4.89
C ALA C 131 -13.97 24.48 3.68
N VAL C 132 -12.99 24.52 2.78
CA VAL C 132 -13.10 25.35 1.58
C VAL C 132 -13.89 24.70 0.45
N TYR C 133 -13.61 23.42 0.18
CA TYR C 133 -14.28 22.71 -0.90
C TYR C 133 -15.51 21.90 -0.52
N GLY C 134 -15.70 21.68 0.78
CA GLY C 134 -16.84 20.90 1.24
C GLY C 134 -16.56 19.44 0.96
N LYS C 135 -17.54 18.58 1.18
CA LYS C 135 -17.36 17.15 0.94
C LYS C 135 -18.59 16.50 0.33
N GLY C 136 -18.37 15.41 -0.39
CA GLY C 136 -19.47 14.68 -1.02
C GLY C 136 -20.19 15.44 -2.11
N ALA C 137 -21.51 15.34 -2.13
CA ALA C 137 -22.33 16.01 -3.13
C ALA C 137 -22.15 17.51 -3.10
N LYS C 138 -21.84 18.03 -1.91
CA LYS C 138 -21.65 19.47 -1.73
C LYS C 138 -20.27 19.95 -2.17
N ARG C 139 -19.43 19.02 -2.61
CA ARG C 139 -18.08 19.36 -3.07
C ARG C 139 -18.20 20.38 -4.19
N ALA C 140 -17.25 21.32 -4.25
CA ALA C 140 -17.27 22.34 -5.28
C ALA C 140 -16.14 23.34 -5.14
N VAL C 141 -15.66 23.84 -6.27
CA VAL C 141 -14.59 24.82 -6.28
C VAL C 141 -15.23 26.19 -6.03
N PRO C 142 -14.75 26.91 -5.01
CA PRO C 142 -15.29 28.24 -4.67
C PRO C 142 -15.01 29.27 -5.76
N ASP C 143 -15.60 30.45 -5.60
CA ASP C 143 -15.39 31.52 -6.57
C ASP C 143 -13.91 31.91 -6.48
N GLU C 144 -13.41 32.55 -7.53
CA GLU C 144 -12.00 32.94 -7.59
C GLU C 144 -11.43 33.62 -6.34
N PRO C 145 -12.12 34.64 -5.80
CA PRO C 145 -11.61 35.32 -4.61
C PRO C 145 -11.24 34.34 -3.49
N VAL C 146 -12.19 33.47 -3.17
CA VAL C 146 -12.01 32.47 -2.13
C VAL C 146 -10.95 31.45 -2.49
N LEU C 147 -11.01 30.93 -3.72
CA LEU C 147 -10.06 29.94 -4.18
C LEU C 147 -8.64 30.49 -4.16
N ALA C 148 -8.48 31.71 -4.66
CA ALA C 148 -7.17 32.35 -4.72
C ALA C 148 -6.51 32.56 -3.36
N GLU C 149 -7.27 32.99 -2.36
CA GLU C 149 -6.67 33.20 -1.05
C GLU C 149 -6.30 31.87 -0.41
N HIS C 150 -7.10 30.84 -0.64
CA HIS C 150 -6.81 29.53 -0.08
C HIS C 150 -5.51 28.96 -0.64
N LEU C 151 -5.34 29.02 -1.97
CA LEU C 151 -4.12 28.49 -2.57
C LEU C 151 -2.90 29.28 -2.13
N VAL C 152 -3.03 30.60 -2.00
CA VAL C 152 -1.92 31.42 -1.55
C VAL C 152 -1.57 31.08 -0.10
N ARG C 153 -2.60 30.94 0.75
CA ARG C 153 -2.36 30.60 2.15
C ARG C 153 -1.68 29.24 2.26
N LYS C 154 -2.04 28.31 1.37
CA LYS C 154 -1.41 26.98 1.40
C LYS C 154 0.05 27.10 0.98
N ALA C 155 0.31 27.88 -0.07
CA ALA C 155 1.67 28.10 -0.55
C ALA C 155 2.51 28.80 0.53
N ALA C 156 1.92 29.78 1.20
CA ALA C 156 2.61 30.51 2.25
C ALA C 156 2.98 29.59 3.41
N ALA C 157 2.07 28.68 3.75
CA ALA C 157 2.32 27.74 4.84
C ALA C 157 3.50 26.84 4.48
N ILE C 158 3.51 26.33 3.25
CA ILE C 158 4.60 25.48 2.79
C ILE C 158 5.92 26.24 2.84
N TRP C 159 5.91 27.48 2.36
CA TRP C 159 7.09 28.35 2.35
C TRP C 159 7.67 28.50 3.77
N GLU C 160 6.79 28.76 4.73
CA GLU C 160 7.18 28.94 6.13
C GLU C 160 7.55 27.66 6.87
N LEU C 161 6.85 26.59 6.56
CA LEU C 161 7.07 25.31 7.25
C LEU C 161 8.22 24.43 6.81
N GLU C 162 8.73 24.64 5.59
CA GLU C 162 9.82 23.81 5.09
C GLU C 162 11.00 23.67 6.05
N ARG C 163 11.52 24.80 6.51
CA ARG C 163 12.66 24.81 7.41
C ARG C 163 12.43 24.00 8.69
N PRO C 164 11.35 24.31 9.44
CA PRO C 164 11.13 23.54 10.67
C PRO C 164 10.91 22.04 10.45
N PHE C 165 10.22 21.68 9.37
CA PHE C 165 9.99 20.26 9.09
C PHE C 165 11.32 19.56 8.77
N LEU C 166 12.14 20.20 7.94
CA LEU C 166 13.43 19.63 7.56
C LEU C 166 14.33 19.51 8.81
N ASP C 167 14.27 20.53 9.67
CA ASP C 167 15.07 20.51 10.90
C ASP C 167 14.70 19.32 11.78
N GLU C 168 13.41 19.10 12.00
CA GLU C 168 13.00 17.98 12.84
C GLU C 168 13.34 16.65 12.17
N LEU C 169 13.19 16.57 10.85
CA LEU C 169 13.51 15.34 10.15
C LEU C 169 14.98 15.01 10.41
N ARG C 170 15.83 16.01 10.30
CA ARG C 170 17.26 15.84 10.54
C ARG C 170 17.50 15.32 11.95
N ARG C 171 16.82 15.89 12.94
CA ARG C 171 16.97 15.45 14.33
C ARG C 171 16.55 13.99 14.49
N ASN C 172 15.56 13.57 13.72
CA ASN C 172 15.07 12.18 13.76
C ASN C 172 15.90 11.26 12.86
N GLU C 173 16.92 11.81 12.21
CA GLU C 173 17.76 11.02 11.30
C GLU C 173 16.89 10.50 10.15
N GLN C 174 15.95 11.33 9.72
CA GLN C 174 15.05 10.97 8.63
C GLN C 174 15.23 11.89 7.42
N ASP C 175 16.23 12.77 7.47
CA ASP C 175 16.45 13.69 6.35
C ASP C 175 16.71 12.95 5.04
N ARG C 176 17.53 11.91 5.08
CA ARG C 176 17.82 11.15 3.86
C ARG C 176 16.61 10.29 3.46
N LEU C 177 15.83 9.88 4.45
CA LEU C 177 14.62 9.07 4.21
C LEU C 177 13.66 9.84 3.32
N LEU C 178 13.57 11.15 3.56
CA LEU C 178 12.68 12.00 2.76
C LEU C 178 13.31 12.34 1.42
N VAL C 179 14.52 12.87 1.45
CA VAL C 179 15.22 13.31 0.25
C VAL C 179 15.77 12.25 -0.69
N GLU C 180 16.24 11.15 -0.13
CA GLU C 180 16.80 10.09 -0.98
C GLU C 180 15.87 8.89 -1.20
N LEU C 181 14.78 8.79 -0.44
CA LEU C 181 13.88 7.67 -0.62
C LEU C 181 12.46 8.03 -1.05
N GLU C 182 11.69 8.63 -0.15
CA GLU C 182 10.30 8.98 -0.44
C GLU C 182 10.08 9.97 -1.60
N GLN C 183 10.83 11.07 -1.64
CA GLN C 183 10.62 12.02 -2.72
C GLN C 183 10.98 11.44 -4.10
N PRO C 184 12.12 10.75 -4.22
CA PRO C 184 12.44 10.18 -5.53
C PRO C 184 11.42 9.09 -5.90
N LEU C 185 10.93 8.38 -4.89
CA LEU C 185 9.94 7.33 -5.13
C LEU C 185 8.64 7.94 -5.64
N SER C 186 8.28 9.09 -5.09
CA SER C 186 7.08 9.80 -5.48
C SER C 186 7.04 9.99 -7.00
N SER C 187 8.17 10.38 -7.58
CA SER C 187 8.27 10.59 -9.02
C SER C 187 8.12 9.28 -9.78
N ILE C 188 8.62 8.19 -9.19
CA ILE C 188 8.52 6.89 -9.83
C ILE C 188 7.05 6.43 -9.79
N LEU C 189 6.39 6.62 -8.66
CA LEU C 189 4.99 6.22 -8.55
C LEU C 189 4.15 7.03 -9.54
N ALA C 190 4.53 8.29 -9.77
CA ALA C 190 3.80 9.14 -10.70
C ALA C 190 3.87 8.55 -12.11
N GLU C 191 5.05 8.06 -12.51
CA GLU C 191 5.23 7.47 -13.83
C GLU C 191 4.40 6.18 -13.95
N MET C 192 4.43 5.36 -12.90
CA MET C 192 3.69 4.10 -12.89
C MET C 192 2.20 4.32 -13.03
N GLU C 193 1.66 5.23 -12.22
CA GLU C 193 0.25 5.55 -12.23
C GLU C 193 -0.17 6.10 -13.60
N PHE C 194 0.63 7.01 -14.12
CA PHE C 194 0.34 7.62 -15.41
C PHE C 194 0.38 6.59 -16.54
N ALA C 195 1.33 5.67 -16.49
CA ALA C 195 1.45 4.63 -17.51
C ALA C 195 0.20 3.76 -17.50
N GLY C 196 -0.22 3.37 -16.30
CA GLY C 196 -1.40 2.54 -16.17
C GLY C 196 -1.17 1.11 -16.61
N VAL C 197 -2.20 0.27 -16.45
CA VAL C 197 -2.15 -1.13 -16.85
C VAL C 197 -3.30 -1.41 -17.82
N LYS C 198 -2.97 -2.08 -18.92
CA LYS C 198 -3.95 -2.41 -19.96
C LYS C 198 -4.84 -3.58 -19.53
N VAL C 199 -6.14 -3.42 -19.77
CA VAL C 199 -7.11 -4.45 -19.42
C VAL C 199 -7.76 -5.01 -20.68
N ASP C 200 -7.86 -6.34 -20.73
CA ASP C 200 -8.50 -7.01 -21.84
C ASP C 200 -9.98 -7.05 -21.45
N THR C 201 -10.70 -5.99 -21.77
CA THR C 201 -12.11 -5.89 -21.40
C THR C 201 -12.99 -6.99 -22.00
N LYS C 202 -12.65 -7.49 -23.17
CA LYS C 202 -13.46 -8.56 -23.76
C LYS C 202 -13.28 -9.84 -22.95
N ARG C 203 -12.08 -10.04 -22.44
CA ARG C 203 -11.80 -11.22 -21.62
C ARG C 203 -12.59 -11.12 -20.32
N LEU C 204 -12.58 -9.94 -19.71
CA LEU C 204 -13.31 -9.71 -18.47
C LEU C 204 -14.80 -9.95 -18.65
N GLU C 205 -15.34 -9.41 -19.74
CA GLU C 205 -16.76 -9.56 -20.01
C GLU C 205 -17.17 -11.02 -20.19
N GLN C 206 -16.34 -11.79 -20.90
CA GLN C 206 -16.65 -13.21 -21.10
C GLN C 206 -16.58 -13.95 -19.76
N MET C 207 -15.59 -13.61 -18.94
CA MET C 207 -15.46 -14.24 -17.64
C MET C 207 -16.70 -13.86 -16.82
N GLY C 208 -17.14 -12.62 -17.00
CA GLY C 208 -18.32 -12.15 -16.29
C GLY C 208 -19.53 -12.97 -16.62
N LYS C 209 -19.66 -13.33 -17.90
CA LYS C 209 -20.80 -14.14 -18.35
C LYS C 209 -20.75 -15.51 -17.70
N GLU C 210 -19.59 -16.15 -17.75
CA GLU C 210 -19.43 -17.48 -17.18
C GLU C 210 -19.69 -17.48 -15.68
N LEU C 211 -19.24 -16.43 -14.98
CA LEU C 211 -19.47 -16.34 -13.55
C LEU C 211 -20.96 -16.16 -13.26
N ALA C 212 -21.64 -15.36 -14.07
CA ALA C 212 -23.06 -15.13 -13.89
C ALA C 212 -23.83 -16.44 -13.98
N GLU C 213 -23.32 -17.36 -14.79
CA GLU C 213 -23.96 -18.66 -14.96
C GLU C 213 -23.75 -19.51 -13.71
N GLN C 214 -22.49 -19.66 -13.32
CA GLN C 214 -22.14 -20.45 -12.13
C GLN C 214 -22.83 -19.89 -10.90
N LEU C 215 -22.80 -18.57 -10.77
CA LEU C 215 -23.42 -17.89 -9.63
C LEU C 215 -24.91 -18.22 -9.58
N GLY C 216 -25.52 -18.28 -10.76
CA GLY C 216 -26.94 -18.59 -10.83
C GLY C 216 -27.20 -20.00 -10.35
N THR C 217 -26.34 -20.93 -10.75
CA THR C 217 -26.48 -22.33 -10.36
C THR C 217 -26.35 -22.49 -8.85
N VAL C 218 -25.32 -21.87 -8.28
CA VAL C 218 -25.09 -21.95 -6.85
C VAL C 218 -26.22 -21.26 -6.08
N GLU C 219 -26.64 -20.10 -6.57
CA GLU C 219 -27.72 -19.36 -5.94
C GLU C 219 -28.97 -20.23 -5.81
N GLN C 220 -29.34 -20.89 -6.91
CA GLN C 220 -30.53 -21.75 -6.89
C GLN C 220 -30.33 -22.97 -6.01
N ARG C 221 -29.10 -23.50 -6.01
CA ARG C 221 -28.80 -24.66 -5.18
C ARG C 221 -28.96 -24.30 -3.71
N ILE C 222 -28.67 -23.05 -3.38
CA ILE C 222 -28.79 -22.57 -2.01
C ILE C 222 -30.24 -22.38 -1.59
N TYR C 223 -31.07 -21.86 -2.49
CA TYR C 223 -32.48 -21.68 -2.16
C TYR C 223 -33.11 -23.06 -2.00
N GLU C 224 -32.65 -24.00 -2.81
CA GLU C 224 -33.15 -25.36 -2.78
C GLU C 224 -32.86 -26.03 -1.43
N LEU C 225 -31.62 -25.91 -0.96
CA LEU C 225 -31.22 -26.50 0.31
C LEU C 225 -31.82 -25.76 1.51
N ALA C 226 -32.10 -24.48 1.33
CA ALA C 226 -32.67 -23.69 2.42
C ALA C 226 -34.19 -23.82 2.46
N GLY C 227 -34.77 -24.30 1.36
CA GLY C 227 -36.21 -24.45 1.30
C GLY C 227 -36.93 -23.13 1.15
N GLN C 228 -36.22 -22.12 0.65
CA GLN C 228 -36.81 -20.80 0.43
C GLN C 228 -35.78 -19.85 -0.16
N GLU C 229 -36.25 -18.75 -0.71
CA GLU C 229 -35.37 -17.76 -1.30
C GLU C 229 -35.12 -16.63 -0.30
N PHE C 230 -33.89 -16.10 -0.30
CA PHE C 230 -33.52 -15.02 0.58
C PHE C 230 -32.28 -14.34 0.04
N ASN C 231 -31.92 -13.18 0.60
CA ASN C 231 -30.74 -12.46 0.13
C ASN C 231 -29.49 -13.01 0.79
N ILE C 232 -28.79 -13.87 0.04
CA ILE C 232 -27.57 -14.50 0.52
C ILE C 232 -26.51 -13.47 0.92
N ASN C 233 -26.52 -12.32 0.24
CA ASN C 233 -25.57 -11.25 0.52
C ASN C 233 -25.97 -10.41 1.72
N SER C 234 -26.99 -10.87 2.44
CA SER C 234 -27.45 -10.18 3.63
C SER C 234 -27.10 -11.01 4.84
N PRO C 235 -26.05 -10.62 5.58
CA PRO C 235 -25.66 -11.39 6.77
C PRO C 235 -26.83 -11.57 7.74
N LYS C 236 -27.73 -10.59 7.76
CA LYS C 236 -28.90 -10.64 8.63
C LYS C 236 -29.86 -11.73 8.17
N GLN C 237 -30.23 -11.70 6.89
CA GLN C 237 -31.13 -12.71 6.34
C GLN C 237 -30.49 -14.09 6.39
N LEU C 238 -29.20 -14.16 6.06
CA LEU C 238 -28.46 -15.42 6.08
C LEU C 238 -28.47 -16.02 7.49
N GLY C 239 -28.20 -15.18 8.49
CA GLY C 239 -28.18 -15.66 9.86
C GLY C 239 -29.49 -16.33 10.28
N VAL C 240 -30.62 -15.74 9.91
CA VAL C 240 -31.91 -16.30 10.26
C VAL C 240 -32.08 -17.68 9.63
N ILE C 241 -31.67 -17.81 8.37
CA ILE C 241 -31.77 -19.08 7.66
C ILE C 241 -30.90 -20.17 8.30
N LEU C 242 -29.65 -19.82 8.57
CA LEU C 242 -28.70 -20.78 9.15
C LEU C 242 -28.96 -21.21 10.58
N PHE C 243 -29.11 -20.23 11.48
CA PHE C 243 -29.28 -20.52 12.88
C PHE C 243 -30.72 -20.65 13.38
N GLU C 244 -31.68 -20.31 12.53
CA GLU C 244 -33.07 -20.42 12.92
C GLU C 244 -33.80 -21.47 12.08
N LYS C 245 -33.88 -21.24 10.77
CA LYS C 245 -34.57 -22.20 9.92
C LYS C 245 -33.89 -23.57 9.87
N LEU C 246 -32.56 -23.58 9.71
CA LEU C 246 -31.82 -24.84 9.62
C LEU C 246 -31.23 -25.34 10.96
N GLN C 247 -31.38 -24.56 12.02
CA GLN C 247 -30.90 -24.96 13.34
C GLN C 247 -29.41 -25.22 13.49
N LEU C 248 -28.58 -24.57 12.68
CA LEU C 248 -27.14 -24.79 12.79
C LEU C 248 -26.64 -24.25 14.13
N PRO C 249 -25.58 -24.87 14.68
CA PRO C 249 -25.01 -24.43 15.96
C PRO C 249 -24.49 -22.99 15.91
N VAL C 250 -24.75 -22.24 16.97
CA VAL C 250 -24.26 -20.87 17.05
C VAL C 250 -22.97 -20.93 17.85
N LEU C 251 -21.84 -20.75 17.18
CA LEU C 251 -20.54 -20.80 17.83
C LEU C 251 -19.92 -19.42 17.99
N LYS C 252 -20.54 -18.40 17.39
CA LYS C 252 -20.02 -17.05 17.47
C LYS C 252 -21.12 -15.98 17.48
N LYS C 253 -21.09 -15.12 18.48
CA LYS C 253 -22.08 -14.04 18.62
C LYS C 253 -21.42 -12.67 18.50
N THR C 254 -21.42 -12.12 17.28
CA THR C 254 -20.81 -10.81 17.04
C THR C 254 -21.71 -9.66 17.46
N LYS C 255 -21.30 -8.44 17.12
CA LYS C 255 -22.02 -7.22 17.45
C LYS C 255 -23.53 -7.44 17.50
N THR C 256 -24.16 -7.47 16.33
CA THR C 256 -25.60 -7.67 16.25
C THR C 256 -25.92 -9.04 15.65
N GLY C 257 -27.05 -9.62 16.07
CA GLY C 257 -27.46 -10.91 15.57
C GLY C 257 -26.36 -11.95 15.66
N TYR C 258 -26.21 -12.77 14.62
CA TYR C 258 -25.17 -13.80 14.62
C TYR C 258 -24.05 -13.45 13.66
N SER C 259 -23.02 -14.29 13.66
CA SER C 259 -21.88 -14.12 12.78
C SER C 259 -21.90 -15.17 11.69
N THR C 260 -21.65 -14.76 10.46
CA THR C 260 -21.62 -15.68 9.34
C THR C 260 -20.29 -15.48 8.62
N SER C 261 -19.26 -15.17 9.40
CA SER C 261 -17.93 -14.94 8.87
C SER C 261 -17.36 -16.21 8.28
N ALA C 262 -16.29 -16.06 7.49
CA ALA C 262 -15.64 -17.18 6.84
C ALA C 262 -15.26 -18.33 7.77
N ASP C 263 -14.50 -18.04 8.83
CA ASP C 263 -14.10 -19.11 9.74
C ASP C 263 -15.25 -19.70 10.54
N VAL C 264 -16.36 -18.97 10.66
CA VAL C 264 -17.51 -19.49 11.37
C VAL C 264 -18.15 -20.58 10.49
N LEU C 265 -18.38 -20.24 9.22
CA LEU C 265 -18.98 -21.19 8.29
C LEU C 265 -18.09 -22.38 8.01
N GLU C 266 -16.77 -22.15 7.98
CA GLU C 266 -15.84 -23.24 7.72
C GLU C 266 -16.01 -24.31 8.80
N LYS C 267 -16.38 -23.87 10.00
CA LYS C 267 -16.59 -24.79 11.12
C LYS C 267 -17.99 -25.42 11.09
N LEU C 268 -18.92 -24.76 10.41
CA LEU C 268 -20.29 -25.26 10.31
C LEU C 268 -20.49 -26.14 9.08
N ALA C 269 -19.54 -26.08 8.15
CA ALA C 269 -19.63 -26.86 6.92
C ALA C 269 -20.07 -28.31 7.09
N PRO C 270 -19.50 -29.02 8.07
CA PRO C 270 -19.86 -30.43 8.30
C PRO C 270 -21.32 -30.70 8.66
N TYR C 271 -22.03 -29.68 9.15
CA TYR C 271 -23.43 -29.87 9.55
C TYR C 271 -24.48 -29.80 8.45
N HIS C 272 -24.20 -29.05 7.39
CA HIS C 272 -25.17 -28.92 6.33
C HIS C 272 -24.52 -28.56 5.00
N GLU C 273 -25.04 -29.15 3.93
CA GLU C 273 -24.53 -28.95 2.57
C GLU C 273 -24.71 -27.52 2.06
N ILE C 274 -25.53 -26.73 2.73
CA ILE C 274 -25.76 -25.36 2.30
C ILE C 274 -24.55 -24.45 2.55
N VAL C 275 -23.82 -24.73 3.63
CA VAL C 275 -22.67 -23.91 4.00
C VAL C 275 -21.59 -23.81 2.92
N GLU C 276 -21.20 -24.95 2.35
CA GLU C 276 -20.18 -24.96 1.30
C GLU C 276 -20.61 -24.08 0.13
N ASN C 277 -21.87 -24.20 -0.26
CA ASN C 277 -22.42 -23.42 -1.37
C ASN C 277 -22.43 -21.93 -1.07
N ILE C 278 -22.76 -21.57 0.17
CA ILE C 278 -22.79 -20.18 0.57
C ILE C 278 -21.39 -19.58 0.47
N LEU C 279 -20.38 -20.35 0.87
CA LEU C 279 -19.00 -19.88 0.79
C LEU C 279 -18.61 -19.68 -0.66
N HIS C 280 -18.94 -20.66 -1.51
CA HIS C 280 -18.61 -20.58 -2.93
C HIS C 280 -19.35 -19.39 -3.56
N TYR C 281 -20.62 -19.23 -3.20
CA TYR C 281 -21.42 -18.13 -3.71
C TYR C 281 -20.74 -16.79 -3.40
N ARG C 282 -20.32 -16.62 -2.15
CA ARG C 282 -19.66 -15.40 -1.74
C ARG C 282 -18.36 -15.18 -2.50
N GLN C 283 -17.64 -16.27 -2.74
CA GLN C 283 -16.39 -16.21 -3.48
C GLN C 283 -16.64 -15.65 -4.87
N LEU C 284 -17.51 -16.32 -5.63
CA LEU C 284 -17.82 -15.89 -6.99
C LEU C 284 -18.48 -14.51 -6.99
N GLY C 285 -19.34 -14.28 -6.01
CA GLY C 285 -20.03 -13.01 -5.89
C GLY C 285 -19.09 -11.83 -5.78
N LYS C 286 -17.98 -12.03 -5.07
CA LYS C 286 -17.00 -10.97 -4.90
C LYS C 286 -16.26 -10.74 -6.21
N LEU C 287 -16.00 -11.82 -6.94
CA LEU C 287 -15.31 -11.71 -8.22
C LEU C 287 -16.15 -10.90 -9.19
N GLN C 288 -17.45 -11.19 -9.22
CA GLN C 288 -18.36 -10.49 -10.12
C GLN C 288 -18.53 -9.01 -9.78
N SER C 289 -18.87 -8.72 -8.53
CA SER C 289 -19.10 -7.34 -8.11
C SER C 289 -17.87 -6.44 -8.17
N THR C 290 -16.74 -6.96 -7.69
CA THR C 290 -15.52 -6.17 -7.62
C THR C 290 -14.51 -6.28 -8.75
N TYR C 291 -14.13 -7.50 -9.11
CA TYR C 291 -13.12 -7.67 -10.14
C TYR C 291 -13.62 -7.77 -11.59
N ILE C 292 -14.93 -7.74 -11.77
CA ILE C 292 -15.50 -7.76 -13.10
C ILE C 292 -16.22 -6.44 -13.29
N GLU C 293 -17.37 -6.29 -12.65
CA GLU C 293 -18.16 -5.07 -12.75
C GLU C 293 -17.43 -3.85 -12.18
N GLY C 294 -16.92 -3.97 -10.96
CA GLY C 294 -16.21 -2.85 -10.36
C GLY C 294 -15.01 -2.40 -11.17
N LEU C 295 -14.23 -3.36 -11.68
CA LEU C 295 -13.06 -3.06 -12.46
C LEU C 295 -13.43 -2.38 -13.78
N LEU C 296 -14.43 -2.93 -14.46
CA LEU C 296 -14.88 -2.37 -15.73
C LEU C 296 -15.32 -0.92 -15.58
N LYS C 297 -15.81 -0.57 -14.38
CA LYS C 297 -16.25 0.79 -14.11
C LYS C 297 -15.12 1.83 -14.12
N VAL C 298 -13.91 1.39 -13.78
CA VAL C 298 -12.79 2.31 -13.73
C VAL C 298 -11.81 2.20 -14.90
N VAL C 299 -12.09 1.29 -15.83
CA VAL C 299 -11.23 1.16 -16.99
C VAL C 299 -11.51 2.36 -17.91
N ARG C 300 -10.46 3.01 -18.40
CA ARG C 300 -10.63 4.15 -19.29
C ARG C 300 -11.23 3.66 -20.61
N PRO C 301 -12.40 4.17 -20.99
CA PRO C 301 -13.11 3.80 -22.22
C PRO C 301 -12.26 3.82 -23.49
N ASP C 302 -11.39 4.82 -23.60
CA ASP C 302 -10.55 4.95 -24.79
C ASP C 302 -9.33 4.06 -24.85
N THR C 303 -8.49 4.10 -23.82
CA THR C 303 -7.27 3.30 -23.80
C THR C 303 -7.43 1.90 -23.21
N LYS C 304 -8.52 1.67 -22.49
CA LYS C 304 -8.77 0.39 -21.84
C LYS C 304 -7.75 0.12 -20.74
N LYS C 305 -7.15 1.20 -20.23
CA LYS C 305 -6.19 1.10 -19.15
C LYS C 305 -6.83 1.52 -17.82
N VAL C 306 -6.26 1.03 -16.72
CA VAL C 306 -6.73 1.42 -15.40
C VAL C 306 -5.55 2.17 -14.80
N HIS C 307 -5.83 3.29 -14.15
CA HIS C 307 -4.79 4.11 -13.53
C HIS C 307 -5.04 4.22 -12.04
N THR C 308 -4.37 3.35 -11.27
CA THR C 308 -4.52 3.37 -9.83
C THR C 308 -3.81 4.58 -9.24
N ILE C 309 -4.03 4.82 -7.95
CA ILE C 309 -3.33 5.89 -7.27
C ILE C 309 -2.71 5.24 -6.06
N PHE C 310 -1.38 5.32 -5.98
CA PHE C 310 -0.68 4.74 -4.85
C PHE C 310 -0.60 5.80 -3.77
N ASN C 311 -1.28 5.56 -2.66
CA ASN C 311 -1.23 6.50 -1.56
C ASN C 311 0.08 6.22 -0.84
N GLN C 312 1.00 7.18 -0.91
CA GLN C 312 2.32 7.05 -0.31
C GLN C 312 2.41 7.59 1.12
N ALA C 313 1.31 8.16 1.62
CA ALA C 313 1.33 8.72 2.96
C ALA C 313 0.13 8.29 3.77
N LEU C 314 -0.10 6.99 3.86
CA LEU C 314 -1.25 6.52 4.62
C LEU C 314 -0.98 5.44 5.65
N THR C 315 -0.31 4.36 5.25
CA THR C 315 -0.07 3.26 6.18
C THR C 315 0.86 3.59 7.34
N GLN C 316 0.61 2.96 8.48
CA GLN C 316 1.39 3.20 9.69
C GLN C 316 2.76 2.54 9.68
N THR C 317 3.00 1.65 8.72
CA THR C 317 4.26 0.92 8.65
C THR C 317 5.20 1.37 7.53
N GLY C 318 4.72 2.24 6.64
CA GLY C 318 5.57 2.70 5.56
C GLY C 318 5.25 2.05 4.23
N ARG C 319 4.27 1.14 4.23
CA ARG C 319 3.85 0.48 3.00
C ARG C 319 3.04 1.48 2.19
N LEU C 320 2.76 1.13 0.94
CA LEU C 320 1.94 1.97 0.07
C LEU C 320 0.57 1.28 0.12
N SER C 321 -0.45 1.97 -0.37
CA SER C 321 -1.78 1.39 -0.48
C SER C 321 -2.17 1.76 -1.91
N SER C 322 -3.20 1.11 -2.45
CA SER C 322 -3.64 1.37 -3.82
C SER C 322 -5.16 1.53 -3.89
N THR C 323 -5.64 2.48 -4.69
CA THR C 323 -7.08 2.69 -4.81
C THR C 323 -7.59 3.03 -6.21
N GLU C 324 -8.89 2.82 -6.39
CA GLU C 324 -9.63 3.13 -7.61
C GLU C 324 -8.91 2.91 -8.94
N PRO C 325 -8.59 1.66 -9.27
CA PRO C 325 -8.89 0.49 -8.44
C PRO C 325 -7.68 0.09 -7.61
N ASN C 326 -7.91 -0.78 -6.63
CA ASN C 326 -6.83 -1.28 -5.80
C ASN C 326 -6.22 -2.42 -6.61
N LEU C 327 -4.98 -2.23 -7.06
CA LEU C 327 -4.29 -3.23 -7.86
C LEU C 327 -3.36 -4.09 -7.00
N GLN C 328 -3.49 -3.94 -5.68
CA GLN C 328 -2.68 -4.72 -4.75
C GLN C 328 -3.51 -5.84 -4.11
N ASN C 329 -4.76 -6.00 -4.54
CA ASN C 329 -5.59 -7.08 -3.99
C ASN C 329 -6.36 -7.86 -5.07
N ILE C 330 -5.73 -8.03 -6.23
CA ILE C 330 -6.33 -8.79 -7.33
C ILE C 330 -6.20 -10.27 -6.94
N PRO C 331 -7.29 -11.06 -7.11
CA PRO C 331 -7.29 -12.48 -6.77
C PRO C 331 -6.15 -13.32 -7.31
N ILE C 332 -5.73 -14.30 -6.51
CA ILE C 332 -4.66 -15.21 -6.90
C ILE C 332 -4.66 -16.50 -6.08
N ARG C 333 -5.15 -16.43 -4.84
CA ARG C 333 -5.16 -17.58 -3.94
C ARG C 333 -6.01 -18.78 -4.37
N LEU C 334 -7.15 -18.52 -5.00
CA LEU C 334 -8.02 -19.59 -5.48
C LEU C 334 -8.02 -19.50 -7.00
N GLU C 335 -7.84 -20.63 -7.66
CA GLU C 335 -7.77 -20.68 -9.12
C GLU C 335 -8.86 -19.93 -9.87
N GLU C 336 -10.11 -20.07 -9.44
CA GLU C 336 -11.22 -19.40 -10.12
C GLU C 336 -11.06 -17.88 -10.10
N GLY C 337 -10.55 -17.36 -8.99
CA GLY C 337 -10.34 -15.92 -8.89
C GLY C 337 -9.08 -15.50 -9.63
N ARG C 338 -8.07 -16.35 -9.58
CA ARG C 338 -6.79 -16.08 -10.23
C ARG C 338 -6.96 -15.80 -11.72
N LYS C 339 -7.95 -16.44 -12.33
CA LYS C 339 -8.22 -16.25 -13.76
C LYS C 339 -8.43 -14.76 -14.08
N ILE C 340 -8.83 -13.97 -13.09
CA ILE C 340 -9.05 -12.55 -13.28
C ILE C 340 -7.81 -11.90 -13.88
N ARG C 341 -6.64 -12.36 -13.45
CA ARG C 341 -5.38 -11.81 -13.90
C ARG C 341 -5.06 -12.02 -15.37
N GLN C 342 -5.82 -12.87 -16.05
CA GLN C 342 -5.60 -13.08 -17.47
C GLN C 342 -6.05 -11.84 -18.21
N ALA C 343 -6.89 -11.02 -17.54
CA ALA C 343 -7.41 -9.79 -18.14
C ALA C 343 -6.43 -8.62 -18.07
N PHE C 344 -5.33 -8.78 -17.35
CA PHE C 344 -4.33 -7.73 -17.24
C PHE C 344 -3.22 -8.10 -18.22
N VAL C 345 -3.07 -7.29 -19.27
CA VAL C 345 -2.11 -7.55 -20.34
C VAL C 345 -1.14 -6.40 -20.63
N PRO C 346 -0.09 -6.67 -21.43
CA PRO C 346 0.91 -5.64 -21.78
C PRO C 346 0.22 -4.50 -22.55
N SER C 347 0.75 -3.29 -22.45
CA SER C 347 0.15 -2.14 -23.13
C SER C 347 0.51 -2.06 -24.62
N GLU C 348 1.43 -2.90 -25.06
CA GLU C 348 1.84 -2.90 -26.46
C GLU C 348 2.00 -4.32 -26.97
N SER C 349 1.80 -4.51 -28.27
CA SER C 349 1.94 -5.85 -28.83
C SER C 349 3.39 -6.31 -28.77
N ASP C 350 3.57 -7.62 -28.62
CA ASP C 350 4.89 -8.22 -28.55
C ASP C 350 5.62 -7.87 -27.26
N TRP C 351 4.87 -7.42 -26.27
CA TRP C 351 5.43 -7.09 -24.95
C TRP C 351 4.97 -8.18 -24.01
N LEU C 352 5.57 -8.25 -22.82
CA LEU C 352 5.19 -9.26 -21.84
C LEU C 352 5.18 -8.69 -20.43
N ILE C 353 4.53 -9.41 -19.51
CA ILE C 353 4.47 -8.99 -18.12
C ILE C 353 5.58 -9.74 -17.38
N PHE C 354 6.35 -9.02 -16.56
CA PHE C 354 7.46 -9.60 -15.79
C PHE C 354 7.22 -9.27 -14.31
N ALA C 355 7.20 -10.31 -13.47
CA ALA C 355 6.96 -10.11 -12.04
C ALA C 355 8.07 -10.73 -11.20
N ALA C 356 8.65 -9.94 -10.29
CA ALA C 356 9.70 -10.42 -9.41
C ALA C 356 9.30 -10.20 -7.96
N ASP C 357 9.45 -11.24 -7.15
CA ASP C 357 9.05 -11.12 -5.74
C ASP C 357 10.11 -11.59 -4.77
N TYR C 358 10.17 -10.94 -3.61
CA TYR C 358 11.13 -11.32 -2.59
C TYR C 358 10.61 -12.60 -1.93
N SER C 359 11.50 -13.53 -1.68
CA SER C 359 11.12 -14.77 -1.02
C SER C 359 11.31 -14.59 0.48
N GLN C 360 10.21 -14.68 1.24
CA GLN C 360 10.25 -14.56 2.70
C GLN C 360 11.00 -13.32 3.19
N ILE C 361 10.72 -12.15 2.64
CA ILE C 361 11.44 -10.96 3.09
C ILE C 361 11.21 -10.66 4.58
N GLU C 362 9.99 -10.87 5.07
CA GLU C 362 9.71 -10.59 6.48
C GLU C 362 10.56 -11.43 7.43
N LEU C 363 10.61 -12.74 7.22
CA LEU C 363 11.41 -13.58 8.10
C LEU C 363 12.91 -13.35 7.93
N ARG C 364 13.34 -12.94 6.73
CA ARG C 364 14.75 -12.66 6.50
C ARG C 364 15.12 -11.38 7.23
N VAL C 365 14.21 -10.41 7.23
CA VAL C 365 14.44 -9.15 7.93
C VAL C 365 14.49 -9.44 9.42
N LEU C 366 13.59 -10.31 9.90
CA LEU C 366 13.55 -10.67 11.32
C LEU C 366 14.89 -11.31 11.74
N ALA C 367 15.41 -12.20 10.90
CA ALA C 367 16.68 -12.87 11.20
C ALA C 367 17.77 -11.81 11.35
N HIS C 368 17.78 -10.85 10.44
CA HIS C 368 18.76 -9.77 10.46
C HIS C 368 18.69 -8.93 11.74
N ILE C 369 17.51 -8.39 12.02
CA ILE C 369 17.31 -7.54 13.18
C ILE C 369 17.49 -8.25 14.53
N ALA C 370 16.96 -9.46 14.65
CA ALA C 370 17.08 -10.22 15.90
C ALA C 370 18.45 -10.87 16.03
N GLU C 371 19.15 -11.00 14.91
CA GLU C 371 20.47 -11.63 14.90
C GLU C 371 20.38 -13.00 15.56
N ASP C 372 19.34 -13.75 15.21
CA ASP C 372 19.16 -15.09 15.75
C ASP C 372 20.04 -16.03 14.94
N ASP C 373 20.98 -16.69 15.61
CA ASP C 373 21.89 -17.60 14.91
C ASP C 373 21.20 -18.69 14.12
N ASN C 374 20.23 -19.36 14.73
CA ASN C 374 19.52 -20.46 14.07
C ASN C 374 18.76 -19.97 12.84
N LEU C 375 18.06 -18.85 12.97
CA LEU C 375 17.28 -18.30 11.85
C LEU C 375 18.17 -17.77 10.73
N MET C 376 19.31 -17.16 11.08
CA MET C 376 20.20 -16.63 10.05
C MET C 376 20.83 -17.79 9.28
N GLU C 377 21.18 -18.86 9.99
CA GLU C 377 21.79 -20.03 9.35
C GLU C 377 20.77 -20.68 8.41
N ALA C 378 19.52 -20.75 8.83
CA ALA C 378 18.47 -21.35 8.02
C ALA C 378 18.41 -20.65 6.65
N PHE C 379 18.43 -19.33 6.66
CA PHE C 379 18.39 -18.58 5.41
C PHE C 379 19.70 -18.60 4.63
N ARG C 380 20.82 -18.74 5.34
CA ARG C 380 22.11 -18.82 4.68
C ARG C 380 22.15 -20.15 3.90
N ARG C 381 21.39 -21.14 4.38
CA ARG C 381 21.30 -22.43 3.70
C ARG C 381 20.11 -22.43 2.74
N ASP C 382 19.40 -21.30 2.68
CA ASP C 382 18.21 -21.14 1.83
C ASP C 382 17.23 -22.30 2.03
N LEU C 383 17.01 -22.67 3.29
CA LEU C 383 16.10 -23.76 3.63
C LEU C 383 14.65 -23.34 3.49
N ASP C 384 13.77 -24.34 3.38
CA ASP C 384 12.33 -24.09 3.34
C ASP C 384 12.11 -23.70 4.81
N ILE C 385 11.88 -22.42 5.06
CA ILE C 385 11.74 -21.92 6.41
C ILE C 385 10.63 -22.55 7.26
N HIS C 386 9.49 -22.88 6.65
CA HIS C 386 8.41 -23.46 7.44
C HIS C 386 8.72 -24.91 7.82
N THR C 387 9.38 -25.64 6.93
CA THR C 387 9.74 -27.01 7.23
C THR C 387 10.79 -26.98 8.34
N LYS C 388 11.74 -26.04 8.22
CA LYS C 388 12.80 -25.90 9.22
C LYS C 388 12.20 -25.57 10.59
N THR C 389 11.22 -24.67 10.61
CA THR C 389 10.58 -24.29 11.87
C THR C 389 9.88 -25.50 12.50
N ALA C 390 9.22 -26.30 11.67
CA ALA C 390 8.52 -27.50 12.17
C ALA C 390 9.52 -28.48 12.78
N MET C 391 10.63 -28.71 12.08
CA MET C 391 11.67 -29.61 12.56
C MET C 391 12.13 -29.19 13.96
N ASP C 392 12.33 -27.90 14.14
CA ASP C 392 12.78 -27.35 15.42
C ASP C 392 11.76 -27.40 16.54
N ILE C 393 10.57 -26.86 16.33
CA ILE C 393 9.57 -26.84 17.38
C ILE C 393 8.94 -28.19 17.69
N PHE C 394 8.91 -29.10 16.72
CA PHE C 394 8.34 -30.42 16.97
C PHE C 394 9.42 -31.48 17.16
N GLN C 395 10.67 -31.03 17.17
CA GLN C 395 11.82 -31.91 17.38
C GLN C 395 11.81 -33.16 16.50
N VAL C 396 11.77 -32.97 15.18
CA VAL C 396 11.79 -34.10 14.26
C VAL C 396 12.74 -33.79 13.11
N SER C 397 13.15 -34.84 12.40
CA SER C 397 14.06 -34.67 11.27
C SER C 397 13.24 -34.16 10.09
N GLU C 398 13.92 -33.70 9.04
CA GLU C 398 13.22 -33.18 7.87
C GLU C 398 12.27 -34.22 7.30
N ASP C 399 12.71 -35.48 7.26
CA ASP C 399 11.89 -36.56 6.74
C ASP C 399 10.62 -36.81 7.55
N GLU C 400 10.67 -36.49 8.84
CA GLU C 400 9.53 -36.72 9.72
C GLU C 400 8.54 -35.56 9.78
N VAL C 401 8.79 -34.50 9.02
CA VAL C 401 7.86 -33.38 9.02
C VAL C 401 6.68 -33.74 8.13
N THR C 402 5.49 -33.81 8.71
CA THR C 402 4.30 -34.14 7.94
C THR C 402 3.69 -32.84 7.41
N PRO C 403 2.77 -32.95 6.43
CA PRO C 403 2.13 -31.76 5.87
C PRO C 403 1.45 -30.91 6.95
N ASN C 404 0.76 -31.57 7.89
CA ASN C 404 0.07 -30.85 8.94
C ASN C 404 1.04 -30.10 9.84
N MET C 405 2.21 -30.71 10.09
CA MET C 405 3.22 -30.10 10.93
C MET C 405 3.76 -28.82 10.28
N ARG C 406 4.03 -28.87 8.98
CA ARG C 406 4.54 -27.70 8.26
C ARG C 406 3.48 -26.60 8.30
N ARG C 407 2.22 -26.98 8.10
CA ARG C 407 1.12 -26.02 8.12
C ARG C 407 1.07 -25.27 9.44
N GLN C 408 1.14 -26.00 10.55
CA GLN C 408 1.10 -25.36 11.85
C GLN C 408 2.35 -24.52 12.13
N ALA C 409 3.51 -25.00 11.69
CA ALA C 409 4.75 -24.25 11.90
C ALA C 409 4.67 -22.95 11.11
N LYS C 410 4.03 -23.01 9.94
CA LYS C 410 3.85 -21.83 9.10
C LYS C 410 2.98 -20.80 9.83
N ALA C 411 1.91 -21.27 10.46
CA ALA C 411 1.01 -20.39 11.20
C ALA C 411 1.79 -19.77 12.38
N VAL C 412 2.68 -20.55 12.98
CA VAL C 412 3.49 -20.04 14.08
C VAL C 412 4.36 -18.90 13.56
N ASN C 413 4.97 -19.08 12.39
CA ASN C 413 5.82 -18.04 11.83
C ASN C 413 5.04 -16.74 11.56
N PHE C 414 3.79 -16.87 11.10
CA PHE C 414 2.97 -15.68 10.88
C PHE C 414 2.76 -15.00 12.22
N GLY C 415 2.45 -15.78 13.24
CA GLY C 415 2.22 -15.23 14.57
C GLY C 415 3.44 -14.46 15.04
N ILE C 416 4.61 -15.06 14.85
CA ILE C 416 5.88 -14.44 15.24
C ILE C 416 6.07 -13.09 14.58
N VAL C 417 5.82 -13.01 13.29
CA VAL C 417 5.97 -11.77 12.54
C VAL C 417 4.92 -10.72 12.93
N TYR C 418 3.71 -11.16 13.21
CA TYR C 418 2.60 -10.27 13.56
C TYR C 418 2.61 -9.79 15.01
N GLY C 419 3.42 -10.43 15.85
CA GLY C 419 3.45 -10.07 17.26
C GLY C 419 2.73 -11.22 17.94
N ILE C 420 3.47 -12.29 18.18
CA ILE C 420 2.93 -13.50 18.78
C ILE C 420 2.06 -13.34 20.03
N SER C 421 0.94 -14.05 20.05
CA SER C 421 0.01 -14.04 21.17
C SER C 421 -0.74 -15.36 21.24
N ASP C 422 -0.83 -15.94 22.44
CA ASP C 422 -1.53 -17.20 22.65
C ASP C 422 -2.88 -17.20 21.94
N TYR C 423 -3.73 -16.26 22.34
CA TYR C 423 -5.07 -16.12 21.77
C TYR C 423 -5.10 -16.01 20.26
N GLY C 424 -4.26 -15.15 19.70
CA GLY C 424 -4.22 -14.98 18.26
C GLY C 424 -3.88 -16.25 17.49
N LEU C 425 -2.80 -16.91 17.89
CA LEU C 425 -2.36 -18.13 17.24
C LEU C 425 -3.42 -19.22 17.41
N ALA C 426 -3.94 -19.33 18.63
CA ALA C 426 -4.96 -20.33 18.94
C ALA C 426 -6.17 -20.17 18.03
N GLN C 427 -6.58 -18.92 17.82
CA GLN C 427 -7.71 -18.62 16.96
C GLN C 427 -7.46 -19.00 15.51
N ASN C 428 -6.26 -18.73 15.03
CA ASN C 428 -5.90 -19.03 13.66
C ASN C 428 -5.76 -20.53 13.40
N LEU C 429 -5.21 -21.26 14.36
CA LEU C 429 -5.04 -22.70 14.22
C LEU C 429 -6.20 -23.50 14.82
N ASN C 430 -7.15 -22.79 15.41
CA ASN C 430 -8.31 -23.41 16.02
C ASN C 430 -7.87 -24.47 17.02
N ILE C 431 -7.10 -24.04 18.02
CA ILE C 431 -6.62 -24.92 19.08
C ILE C 431 -6.74 -24.13 20.38
N SER C 432 -6.48 -24.78 21.51
CA SER C 432 -6.61 -24.08 22.79
C SER C 432 -5.49 -23.07 22.97
N ARG C 433 -5.67 -22.16 23.92
CA ARG C 433 -4.69 -21.13 24.19
C ARG C 433 -3.43 -21.77 24.76
N LYS C 434 -3.61 -22.77 25.62
CA LYS C 434 -2.51 -23.48 26.25
C LYS C 434 -1.65 -24.17 25.21
N GLU C 435 -2.30 -24.84 24.26
CA GLU C 435 -1.58 -25.54 23.20
C GLU C 435 -0.82 -24.52 22.36
N ALA C 436 -1.45 -23.39 22.07
CA ALA C 436 -0.79 -22.35 21.27
C ALA C 436 0.41 -21.82 22.05
N ALA C 437 0.26 -21.67 23.36
CA ALA C 437 1.32 -21.18 24.22
C ALA C 437 2.50 -22.15 24.19
N GLU C 438 2.18 -23.44 24.11
CA GLU C 438 3.21 -24.48 24.06
C GLU C 438 4.02 -24.34 22.79
N PHE C 439 3.34 -24.11 21.67
CA PHE C 439 4.01 -23.93 20.38
C PHE C 439 4.96 -22.74 20.46
N ILE C 440 4.47 -21.65 21.03
CA ILE C 440 5.25 -20.43 21.17
C ILE C 440 6.50 -20.65 22.04
N GLU C 441 6.34 -21.35 23.15
CA GLU C 441 7.47 -21.63 24.01
C GLU C 441 8.51 -22.46 23.24
N ARG C 442 8.03 -23.44 22.48
CA ARG C 442 8.93 -24.28 21.69
C ARG C 442 9.67 -23.41 20.66
N TYR C 443 8.95 -22.49 20.04
CA TYR C 443 9.57 -21.62 19.05
C TYR C 443 10.71 -20.82 19.67
N PHE C 444 10.42 -20.15 20.80
CA PHE C 444 11.43 -19.35 21.45
C PHE C 444 12.63 -20.15 21.93
N GLU C 445 12.41 -21.43 22.23
CA GLU C 445 13.49 -22.30 22.67
C GLU C 445 14.44 -22.54 21.50
N SER C 446 13.87 -22.66 20.31
CA SER C 446 14.65 -22.90 19.09
C SER C 446 15.24 -21.62 18.50
N PHE C 447 14.59 -20.48 18.76
CA PHE C 447 15.06 -19.21 18.24
C PHE C 447 15.18 -18.18 19.39
N PRO C 448 16.13 -18.42 20.32
CA PRO C 448 16.35 -17.51 21.46
C PRO C 448 16.62 -16.06 21.07
N GLY C 449 17.21 -15.85 19.90
CA GLY C 449 17.50 -14.49 19.46
C GLY C 449 16.21 -13.74 19.16
N VAL C 450 15.24 -14.43 18.58
CA VAL C 450 13.95 -13.83 18.26
C VAL C 450 13.24 -13.47 19.57
N LYS C 451 13.35 -14.33 20.57
CA LYS C 451 12.71 -14.07 21.86
C LYS C 451 13.34 -12.81 22.45
N ARG C 452 14.66 -12.74 22.38
CA ARG C 452 15.41 -11.59 22.88
C ARG C 452 14.93 -10.30 22.22
N TYR C 453 14.80 -10.32 20.89
CA TYR C 453 14.35 -9.16 20.12
C TYR C 453 12.95 -8.69 20.53
N MET C 454 12.02 -9.64 20.62
CA MET C 454 10.64 -9.29 20.98
C MET C 454 10.60 -8.62 22.35
N GLU C 455 11.41 -9.14 23.27
CA GLU C 455 11.48 -8.57 24.61
C GLU C 455 12.11 -7.18 24.56
N ASN C 456 13.23 -7.07 23.86
CA ASN C 456 13.95 -5.79 23.76
C ASN C 456 13.22 -4.71 22.97
N ILE C 457 12.55 -5.08 21.88
CA ILE C 457 11.85 -4.09 21.07
C ILE C 457 10.70 -3.46 21.85
N VAL C 458 10.03 -4.27 22.69
CA VAL C 458 8.94 -3.76 23.49
C VAL C 458 9.49 -2.80 24.55
N GLN C 459 10.63 -3.16 25.14
CA GLN C 459 11.25 -2.32 26.15
C GLN C 459 11.72 -1.01 25.49
N GLU C 460 12.28 -1.12 24.29
CA GLU C 460 12.76 0.05 23.59
C GLU C 460 11.59 0.99 23.26
N ALA C 461 10.46 0.40 22.84
CA ALA C 461 9.28 1.18 22.50
C ALA C 461 8.80 1.98 23.70
N LYS C 462 8.86 1.37 24.88
CA LYS C 462 8.44 2.04 26.10
C LYS C 462 9.43 3.14 26.50
N GLN C 463 10.72 2.89 26.32
CA GLN C 463 11.74 3.86 26.68
C GLN C 463 11.78 5.08 25.76
N LYS C 464 11.86 4.83 24.45
CA LYS C 464 11.93 5.91 23.47
C LYS C 464 10.56 6.48 23.11
N GLY C 465 9.53 5.63 23.16
CA GLY C 465 8.19 6.06 22.82
C GLY C 465 7.80 5.75 21.37
N TYR C 466 8.70 5.10 20.65
CA TYR C 466 8.47 4.74 19.25
C TYR C 466 9.43 3.63 18.83
N VAL C 467 9.20 3.03 17.67
CA VAL C 467 10.07 2.00 17.12
C VAL C 467 10.50 2.49 15.75
N THR C 468 11.61 1.97 15.24
CA THR C 468 12.11 2.41 13.95
C THR C 468 12.40 1.25 13.00
N THR C 469 12.52 1.58 11.73
CA THR C 469 12.82 0.59 10.68
C THR C 469 14.27 0.76 10.24
N LEU C 470 14.72 -0.12 9.36
CA LEU C 470 16.07 -0.09 8.83
C LEU C 470 16.50 1.28 8.30
N LEU C 471 15.63 1.95 7.56
CA LEU C 471 15.97 3.25 7.01
C LEU C 471 15.48 4.44 7.84
N HIS C 472 15.23 4.18 9.12
CA HIS C 472 14.82 5.20 10.09
C HIS C 472 13.40 5.73 10.05
N ARG C 473 12.48 4.95 9.48
CA ARG C 473 11.08 5.34 9.46
C ARG C 473 10.67 5.10 10.92
N ARG C 474 9.70 5.84 11.42
CA ARG C 474 9.30 5.61 12.81
C ARG C 474 7.80 5.56 13.02
N ARG C 475 7.41 4.94 14.13
CA ARG C 475 6.02 4.82 14.51
C ARG C 475 5.91 4.98 16.02
N TYR C 476 5.20 5.99 16.47
CA TYR C 476 5.01 6.23 17.91
C TYR C 476 3.99 5.24 18.46
N LEU C 477 4.24 4.74 19.66
CA LEU C 477 3.33 3.79 20.29
C LEU C 477 3.01 4.17 21.73
N PRO C 478 2.27 5.29 21.91
CA PRO C 478 1.92 5.73 23.27
C PRO C 478 1.14 4.71 24.09
N ASP C 479 0.36 3.84 23.43
CA ASP C 479 -0.41 2.82 24.13
C ASP C 479 0.46 1.74 24.76
N ILE C 480 1.76 1.79 24.49
CA ILE C 480 2.69 0.80 25.01
C ILE C 480 2.74 0.86 26.54
N THR C 481 2.32 2.00 27.11
CA THR C 481 2.33 2.18 28.57
C THR C 481 0.95 2.11 29.21
N SER C 482 -0.07 1.80 28.43
CA SER C 482 -1.42 1.69 28.96
C SER C 482 -1.55 0.60 30.02
N ARG C 483 -2.34 0.88 31.06
CA ARG C 483 -2.56 -0.10 32.11
C ARG C 483 -3.73 -1.01 31.73
N ASN C 484 -4.19 -0.88 30.48
CA ASN C 484 -5.28 -1.71 29.96
C ASN C 484 -4.59 -2.80 29.16
N PHE C 485 -4.65 -4.03 29.65
CA PHE C 485 -4.01 -5.17 28.99
C PHE C 485 -4.22 -5.27 27.48
N ASN C 486 -5.48 -5.19 27.05
CA ASN C 486 -5.79 -5.28 25.63
C ASN C 486 -5.18 -4.13 24.81
N VAL C 487 -5.34 -2.91 25.30
CA VAL C 487 -4.79 -1.75 24.62
C VAL C 487 -3.27 -1.83 24.56
N ARG C 488 -2.65 -2.20 25.68
CA ARG C 488 -1.20 -2.32 25.73
C ARG C 488 -0.69 -3.43 24.82
N SER C 489 -1.40 -4.55 24.77
CA SER C 489 -1.00 -5.68 23.95
C SER C 489 -1.01 -5.34 22.46
N PHE C 490 -1.95 -4.52 22.04
CA PHE C 490 -2.01 -4.11 20.62
C PHE C 490 -0.71 -3.38 20.33
N ALA C 491 -0.36 -2.43 21.18
CA ALA C 491 0.87 -1.65 21.03
C ALA C 491 2.12 -2.51 21.02
N GLU C 492 2.14 -3.53 21.88
CA GLU C 492 3.29 -4.41 21.95
C GLU C 492 3.46 -5.22 20.66
N ARG C 493 2.36 -5.67 20.10
CA ARG C 493 2.43 -6.43 18.85
C ARG C 493 2.94 -5.49 17.75
N MET C 494 2.48 -4.25 17.78
CA MET C 494 2.92 -3.26 16.79
C MET C 494 4.42 -3.01 16.92
N ALA C 495 4.92 -2.99 18.16
CA ALA C 495 6.33 -2.76 18.40
C ALA C 495 7.15 -3.88 17.76
N MET C 496 6.62 -5.09 17.84
CA MET C 496 7.29 -6.26 17.30
C MET C 496 7.20 -6.34 15.77
N ASN C 497 6.02 -6.05 15.23
CA ASN C 497 5.80 -6.14 13.79
C ASN C 497 6.24 -4.96 12.92
N THR C 498 6.11 -3.73 13.41
CA THR C 498 6.46 -2.57 12.60
C THR C 498 7.89 -2.55 12.05
N PRO C 499 8.89 -2.88 12.88
CA PRO C 499 10.26 -2.88 12.36
C PRO C 499 10.44 -3.90 11.24
N ILE C 500 9.67 -4.98 11.29
CA ILE C 500 9.75 -6.03 10.28
C ILE C 500 9.04 -5.62 8.99
N GLN C 501 7.75 -5.33 9.09
CA GLN C 501 6.98 -4.94 7.91
C GLN C 501 7.48 -3.61 7.36
N GLY C 502 7.85 -2.69 8.25
CA GLY C 502 8.35 -1.40 7.82
C GLY C 502 9.69 -1.49 7.14
N SER C 503 10.61 -2.29 7.69
CA SER C 503 11.91 -2.44 7.06
C SER C 503 11.77 -3.09 5.69
N ALA C 504 10.86 -4.06 5.58
CA ALA C 504 10.65 -4.72 4.30
C ALA C 504 10.12 -3.69 3.29
N ALA C 505 9.35 -2.73 3.79
CA ALA C 505 8.80 -1.69 2.93
C ALA C 505 9.93 -0.78 2.46
N ASP C 506 10.82 -0.43 3.38
CA ASP C 506 11.97 0.43 3.07
C ASP C 506 12.78 -0.19 1.94
N ILE C 507 13.08 -1.48 2.10
CA ILE C 507 13.88 -2.21 1.14
C ILE C 507 13.33 -2.21 -0.29
N ILE C 508 12.06 -2.59 -0.46
CA ILE C 508 11.51 -2.61 -1.81
C ILE C 508 11.41 -1.21 -2.41
N LYS C 509 11.21 -0.19 -1.57
CA LYS C 509 11.13 1.18 -2.08
C LYS C 509 12.49 1.59 -2.64
N LYS C 510 13.56 1.17 -1.98
CA LYS C 510 14.90 1.49 -2.47
C LYS C 510 15.16 0.68 -3.73
N ALA C 511 14.67 -0.56 -3.74
CA ALA C 511 14.84 -1.41 -4.92
C ALA C 511 14.22 -0.73 -6.14
N MET C 512 13.04 -0.14 -5.96
CA MET C 512 12.37 0.55 -7.06
C MET C 512 13.20 1.72 -7.58
N ILE C 513 13.78 2.50 -6.67
CA ILE C 513 14.61 3.64 -7.08
C ILE C 513 15.85 3.14 -7.83
N ASP C 514 16.54 2.16 -7.24
CA ASP C 514 17.73 1.59 -7.87
C ASP C 514 17.41 1.00 -9.24
N LEU C 515 16.28 0.30 -9.33
CA LEU C 515 15.87 -0.33 -10.58
C LEU C 515 15.64 0.69 -11.70
N ASN C 516 14.92 1.76 -11.39
CA ASN C 516 14.65 2.79 -12.40
C ASN C 516 15.93 3.44 -12.89
N ALA C 517 16.90 3.59 -11.99
CA ALA C 517 18.17 4.18 -12.38
C ALA C 517 18.84 3.22 -13.37
N ARG C 518 18.78 1.93 -13.07
CA ARG C 518 19.39 0.93 -13.94
C ARG C 518 18.70 0.85 -15.30
N LEU C 519 17.38 0.85 -15.31
CA LEU C 519 16.61 0.77 -16.54
C LEU C 519 16.98 1.94 -17.46
N LYS C 520 17.11 3.12 -16.87
CA LYS C 520 17.45 4.33 -17.61
C LYS C 520 18.87 4.25 -18.15
N GLU C 521 19.81 3.83 -17.30
CA GLU C 521 21.20 3.71 -17.72
C GLU C 521 21.32 2.79 -18.92
N GLU C 522 20.54 1.71 -18.91
CA GLU C 522 20.54 0.72 -19.98
C GLU C 522 19.63 1.07 -21.15
N ARG C 523 18.85 2.14 -20.99
CA ARG C 523 17.90 2.58 -22.00
C ARG C 523 16.94 1.47 -22.42
N LEU C 524 16.49 0.69 -21.45
CA LEU C 524 15.54 -0.39 -21.71
C LEU C 524 14.14 0.24 -21.78
N GLN C 525 13.26 -0.32 -22.59
CA GLN C 525 11.91 0.21 -22.70
C GLN C 525 11.07 -0.29 -21.53
N ALA C 526 11.58 -1.30 -20.84
CA ALA C 526 10.88 -1.89 -19.70
C ALA C 526 10.58 -0.82 -18.66
N HIS C 527 9.42 -0.92 -18.02
CA HIS C 527 9.06 0.02 -16.98
C HIS C 527 8.15 -0.62 -15.95
N LEU C 528 8.19 -0.05 -14.74
CA LEU C 528 7.37 -0.54 -13.64
C LEU C 528 5.91 -0.23 -13.86
N LEU C 529 5.05 -1.14 -13.45
CA LEU C 529 3.62 -0.93 -13.56
C LEU C 529 3.04 -0.89 -12.15
N LEU C 530 3.40 -1.88 -11.35
CA LEU C 530 2.89 -1.99 -9.99
C LEU C 530 3.91 -2.47 -8.97
N GLN C 531 3.54 -2.27 -7.71
CA GLN C 531 4.31 -2.73 -6.56
C GLN C 531 3.26 -3.36 -5.67
N VAL C 532 3.48 -4.60 -5.25
CA VAL C 532 2.51 -5.26 -4.39
C VAL C 532 3.19 -5.72 -3.09
N HIS C 533 3.68 -4.76 -2.33
CA HIS C 533 4.31 -4.97 -1.04
C HIS C 533 5.69 -5.66 -1.06
N ASP C 534 5.78 -6.84 -1.65
CA ASP C 534 7.07 -7.53 -1.73
C ASP C 534 7.35 -8.01 -3.14
N GLU C 535 6.66 -7.43 -4.11
CA GLU C 535 6.86 -7.79 -5.51
C GLU C 535 6.75 -6.56 -6.40
N LEU C 536 7.44 -6.64 -7.54
CA LEU C 536 7.42 -5.56 -8.53
C LEU C 536 6.96 -6.15 -9.86
N ILE C 537 5.98 -5.50 -10.47
CA ILE C 537 5.43 -5.95 -11.74
C ILE C 537 5.80 -4.95 -12.82
N LEU C 538 6.41 -5.45 -13.90
CA LEU C 538 6.81 -4.60 -15.02
C LEU C 538 6.27 -5.18 -16.31
N GLU C 539 6.39 -4.39 -17.37
CA GLU C 539 6.00 -4.84 -18.69
C GLU C 539 7.16 -4.39 -19.59
N ALA C 540 7.46 -5.17 -20.62
CA ALA C 540 8.55 -4.81 -21.50
C ALA C 540 8.51 -5.61 -22.79
N PRO C 541 9.30 -5.21 -23.79
CA PRO C 541 9.32 -5.93 -25.07
C PRO C 541 9.80 -7.34 -24.76
N LYS C 542 9.31 -8.32 -25.52
CA LYS C 542 9.71 -9.70 -25.30
C LYS C 542 11.22 -9.83 -25.45
N GLU C 543 11.81 -8.98 -26.30
CA GLU C 543 13.25 -9.01 -26.54
C GLU C 543 14.08 -8.55 -25.34
N GLU C 544 13.44 -8.01 -24.32
CA GLU C 544 14.16 -7.56 -23.13
C GLU C 544 14.07 -8.54 -21.96
N MET C 545 13.31 -9.62 -22.12
CA MET C 545 13.15 -10.60 -21.04
C MET C 545 14.46 -11.16 -20.48
N GLU C 546 15.36 -11.60 -21.36
CA GLU C 546 16.61 -12.17 -20.86
C GLU C 546 17.41 -11.18 -20.01
N ARG C 547 17.44 -9.92 -20.42
CA ARG C 547 18.17 -8.93 -19.64
C ARG C 547 17.45 -8.66 -18.31
N LEU C 548 16.13 -8.65 -18.34
CA LEU C 548 15.34 -8.41 -17.14
C LEU C 548 15.50 -9.53 -16.13
N CYS C 549 15.58 -10.77 -16.62
CA CYS C 549 15.75 -11.93 -15.74
C CYS C 549 17.00 -11.80 -14.88
N ARG C 550 18.01 -11.12 -15.37
CA ARG C 550 19.25 -10.94 -14.61
C ARG C 550 19.26 -9.64 -13.83
N LEU C 551 18.79 -8.57 -14.47
CA LEU C 551 18.80 -7.25 -13.84
C LEU C 551 17.83 -7.02 -12.68
N VAL C 552 16.56 -7.37 -12.84
CA VAL C 552 15.59 -7.12 -11.79
C VAL C 552 15.92 -7.83 -10.46
N PRO C 553 16.15 -9.15 -10.49
CA PRO C 553 16.46 -9.84 -9.23
C PRO C 553 17.70 -9.28 -8.55
N GLU C 554 18.75 -9.04 -9.34
CA GLU C 554 20.00 -8.51 -8.80
C GLU C 554 19.79 -7.16 -8.08
N VAL C 555 19.10 -6.24 -8.75
CA VAL C 555 18.82 -4.93 -8.18
C VAL C 555 18.02 -5.06 -6.88
N MET C 556 16.98 -5.88 -6.90
CA MET C 556 16.16 -6.06 -5.71
C MET C 556 16.92 -6.75 -4.57
N GLU C 557 17.73 -7.74 -4.92
CA GLU C 557 18.50 -8.46 -3.93
C GLU C 557 19.61 -7.60 -3.32
N GLN C 558 20.13 -6.66 -4.10
CA GLN C 558 21.22 -5.81 -3.63
C GLN C 558 20.82 -4.43 -3.10
N ALA C 559 19.53 -4.15 -3.05
CA ALA C 559 19.04 -2.86 -2.55
C ALA C 559 19.64 -2.50 -1.20
N VAL C 560 19.73 -3.48 -0.31
CA VAL C 560 20.32 -3.28 1.01
C VAL C 560 21.13 -4.52 1.33
N THR C 561 22.08 -4.40 2.25
CA THR C 561 22.90 -5.54 2.65
C THR C 561 22.52 -5.94 4.07
N LEU C 562 22.01 -7.16 4.23
CA LEU C 562 21.61 -7.64 5.54
C LEU C 562 22.56 -8.76 5.98
N ARG C 563 22.37 -9.27 7.20
CA ARG C 563 23.22 -10.34 7.71
C ARG C 563 22.89 -11.67 7.02
N VAL C 564 21.78 -11.69 6.29
CA VAL C 564 21.40 -12.87 5.54
C VAL C 564 21.12 -12.39 4.12
N PRO C 565 21.25 -13.29 3.13
CA PRO C 565 21.00 -12.87 1.76
C PRO C 565 19.53 -12.59 1.50
N LEU C 566 19.26 -11.80 0.46
CA LEU C 566 17.91 -11.48 0.05
C LEU C 566 17.74 -12.35 -1.19
N LYS C 567 16.60 -13.01 -1.31
CA LYS C 567 16.32 -13.90 -2.44
C LYS C 567 15.10 -13.42 -3.22
N VAL C 568 15.25 -13.33 -4.54
CA VAL C 568 14.16 -12.86 -5.40
C VAL C 568 13.83 -13.86 -6.51
N ASP C 569 12.55 -14.21 -6.61
CA ASP C 569 12.10 -15.13 -7.66
C ASP C 569 11.44 -14.26 -8.73
N TYR C 570 11.27 -14.82 -9.93
CA TYR C 570 10.67 -14.05 -11.01
C TYR C 570 10.02 -14.95 -12.05
N HIS C 571 9.05 -14.40 -12.77
CA HIS C 571 8.32 -15.14 -13.79
C HIS C 571 7.83 -14.10 -14.80
N TYR C 572 7.51 -14.55 -15.99
CA TYR C 572 6.98 -13.65 -17.01
C TYR C 572 6.08 -14.39 -17.98
N GLY C 573 5.20 -13.66 -18.66
CA GLY C 573 4.29 -14.28 -19.60
C GLY C 573 3.42 -13.28 -20.34
N SER C 574 2.50 -13.79 -21.15
CA SER C 574 1.60 -12.97 -21.95
C SER C 574 0.60 -12.12 -21.16
N THR C 575 0.27 -12.55 -19.95
CA THR C 575 -0.65 -11.81 -19.10
C THR C 575 -0.12 -11.88 -17.68
N TRP C 576 -0.74 -11.13 -16.79
CA TRP C 576 -0.33 -11.11 -15.39
C TRP C 576 -0.52 -12.53 -14.81
N TYR C 577 -1.58 -13.20 -15.23
CA TYR C 577 -1.86 -14.56 -14.78
C TYR C 577 -0.67 -15.47 -15.11
N ASP C 578 -0.18 -15.35 -16.34
CA ASP C 578 0.92 -16.17 -16.84
C ASP C 578 2.28 -15.86 -16.24
N ALA C 579 2.39 -14.71 -15.59
CA ALA C 579 3.65 -14.30 -14.97
C ALA C 579 3.80 -15.06 -13.66
N LYS C 580 3.76 -16.39 -13.78
CA LYS C 580 3.88 -17.29 -12.64
C LYS C 580 4.77 -18.48 -13.00
C1 GLC D . -6.84 11.72 -1.52
C2 GLC D . -8.26 11.45 -0.94
C3 GLC D . -8.32 9.82 -0.65
C4 GLC D . -8.14 9.05 -1.99
C5 GLC D . -6.80 9.49 -2.71
C6 GLC D . -6.67 8.98 -4.16
O2 GLC D . -8.45 12.13 0.30
O3 GLC D . -9.62 9.55 -0.14
O4 GLC D . -8.16 7.64 -1.72
O5 GLC D . -6.72 10.96 -2.78
O6 GLC D . -7.70 9.51 -4.99
C1 FRU D . -5.14 13.43 0.56
C2 FRU D . -4.66 12.16 -0.21
C3 FRU D . -3.51 11.39 0.49
C4 FRU D . -2.70 10.84 -0.69
C5 FRU D . -2.89 11.89 -1.79
C6 FRU D . -3.10 11.35 -3.22
O1 FRU D . -4.08 14.09 1.26
O2 FRU D . -5.79 11.30 -0.58
O3 FRU D . -3.95 10.36 1.38
O4 FRU D . -1.34 10.63 -0.31
O5 FRU D . -4.07 12.65 -1.43
O6 FRU D . -3.12 12.44 -4.13
S SO4 E . 4.67 -21.81 1.12
O1 SO4 E . 4.19 -20.43 0.95
O2 SO4 E . 6.06 -21.79 1.61
O3 SO4 E . 4.60 -22.52 -0.17
O4 SO4 E . 3.80 -22.50 2.10
S SO4 F . 23.55 8.57 -18.64
O1 SO4 F . 24.50 8.46 -19.77
O2 SO4 F . 22.17 8.66 -19.16
O3 SO4 F . 23.68 7.36 -17.79
O4 SO4 F . 23.87 9.76 -17.84
S SO4 G . 0.18 40.52 4.87
O1 SO4 G . 1.64 40.52 4.66
O2 SO4 G . -0.10 40.35 6.32
O3 SO4 G . -0.41 41.79 4.43
O4 SO4 G . -0.43 39.41 4.13
MG MG H . 6.80 -13.75 -2.21
#